data_5W24
#
_entry.id   5W24
#
_cell.length_a   116.960
_cell.length_b   63.010
_cell.length_c   56.540
_cell.angle_alpha   90.000
_cell.angle_beta   98.600
_cell.angle_gamma   90.000
#
_symmetry.space_group_name_H-M   'C 1 2 1'
#
loop_
_entity.id
_entity.type
_entity.pdbx_description
1 polymer '5C4 Fab Light Chain'
2 polymer '5C4 Fab Heavy Chain'
3 non-polymer (R,R)-2,3-BUTANEDIOL
4 water water
#
loop_
_entity_poly.entity_id
_entity_poly.type
_entity_poly.pdbx_seq_one_letter_code
_entity_poly.pdbx_strand_id
1 'polypeptide(L)'
;MRPTWAWWLFLVLLLALWAPARGDIVLTQSPASLAVSLGQRTTISCRASESVDSFDNSFIHWYQQKPGQPPKLLIFLASS
LESGVPARFSGSGSRTDFTLTIDPVEADDAATYYCQQSNEDPFTFGSGTKLEIKRADAAPTVSIFPPSSEQLTSGGASVV
CFLNNFYPKDINVKWKIDGSERQNGVLNSWTDQDSKDSTYSMSSTLTLTKDEYERHNSYTCEATHKTSTSPIVKSFNRNE
C
;
L
2 'polypeptide(L)'
;MRPTWAWWLFLVLLLALWAPARGEVQLQQSGAELVKPGASVKLSCTASGFNIKDTFFHWVKQRPEQGLEWIGRIDPADGH
TKYDPKFQGKATITADTSSNTAFLQLSSLTSVDTAVYYCATTITAVVPTPYNAMDYWGQGTSVTVSSASTTAPSVYPLAP
VCGGTTGSSVTLGCLVKGYFPEPVTLTWNSGSLSSGVHTFPALLQSGLYTLSSSVTVTSNTWPSQTITCNVAHPASSTKV
DKKIEPRVP
;
H
#
loop_
_chem_comp.id
_chem_comp.type
_chem_comp.name
_chem_comp.formula
BU3 non-polymer (R,R)-2,3-BUTANEDIOL 'C4 H10 O2'
#
# COMPACT_ATOMS: atom_id res chain seq x y z
N ASP A 24 13.35 10.73 -24.15
CA ASP A 24 12.51 11.15 -23.02
C ASP A 24 13.41 11.73 -21.94
N ILE A 25 12.89 12.70 -21.18
CA ILE A 25 13.66 13.24 -20.06
C ILE A 25 13.76 12.18 -18.98
N VAL A 26 14.98 11.83 -18.60
CA VAL A 26 15.24 10.89 -17.52
C VAL A 26 15.50 11.69 -16.25
N LEU A 27 14.78 11.36 -15.18
CA LEU A 27 14.93 12.01 -13.88
C LEU A 27 15.61 11.03 -12.93
N THR A 28 16.80 11.38 -12.46
CA THR A 28 17.57 10.52 -11.55
C THR A 28 17.50 11.08 -10.13
N GLN A 29 16.92 10.31 -9.21
CA GLN A 29 16.80 10.74 -7.83
C GLN A 29 17.90 10.13 -6.98
N SER A 30 18.34 10.90 -5.98
CA SER A 30 19.34 10.45 -5.04
CA SER A 30 19.38 10.48 -5.05
C SER A 30 19.09 11.11 -3.70
N PRO A 31 19.24 10.38 -2.59
CA PRO A 31 19.57 8.94 -2.58
C PRO A 31 18.35 8.09 -2.93
N ALA A 32 18.56 6.82 -3.25
CA ALA A 32 17.41 5.95 -3.45
C ALA A 32 16.69 5.67 -2.14
N SER A 33 17.41 5.68 -1.02
CA SER A 33 16.77 5.53 0.28
C SER A 33 17.62 6.24 1.32
N LEU A 34 16.96 6.72 2.35
CA LEU A 34 17.68 7.38 3.43
C LEU A 34 16.87 7.28 4.71
N ALA A 35 17.58 7.32 5.83
CA ALA A 35 16.98 7.32 7.15
C ALA A 35 17.35 8.64 7.83
N VAL A 36 16.37 9.26 8.46
CA VAL A 36 16.51 10.59 9.05
C VAL A 36 15.75 10.60 10.38
N SER A 37 16.31 11.28 11.37
CA SER A 37 15.70 11.32 12.69
C SER A 37 14.72 12.48 12.79
N LEU A 38 13.80 12.36 13.76
CA LEU A 38 12.79 13.39 13.95
C LEU A 38 13.44 14.74 14.26
N GLY A 39 12.93 15.79 13.62
CA GLY A 39 13.40 17.13 13.85
C GLY A 39 14.58 17.57 13.00
N GLN A 40 15.25 16.63 12.33
CA GLN A 40 16.33 16.98 11.43
C GLN A 40 15.81 17.61 10.15
N ARG A 41 16.70 18.28 9.45
CA ARG A 41 16.48 18.68 8.07
C ARG A 41 17.12 17.66 7.14
N THR A 42 16.50 17.44 5.98
CA THR A 42 17.13 16.60 4.98
C THR A 42 16.79 17.13 3.60
N THR A 43 17.54 16.68 2.61
CA THR A 43 17.29 17.04 1.21
C THR A 43 17.35 15.81 0.33
N ILE A 44 16.57 15.85 -0.75
CA ILE A 44 16.53 14.82 -1.78
C ILE A 44 16.82 15.51 -3.12
N SER A 45 17.60 14.85 -3.96
CA SER A 45 18.03 15.40 -5.24
C SER A 45 17.26 14.74 -6.39
N CYS A 46 16.96 15.56 -7.41
CA CYS A 46 16.36 15.10 -8.65
C CYS A 46 17.09 15.78 -9.80
N ARG A 47 17.73 15.00 -10.65
CA ARG A 47 18.51 15.54 -11.76
C ARG A 47 17.92 15.09 -13.09
N ALA A 48 17.71 16.05 -13.98
CA ALA A 48 17.09 15.81 -15.28
C ALA A 48 18.16 15.67 -16.35
N SER A 49 17.86 14.85 -17.35
CA SER A 49 18.82 14.59 -18.42
C SER A 49 18.98 15.79 -19.36
N GLU A 50 17.96 16.65 -19.45
CA GLU A 50 18.01 17.90 -20.20
C GLU A 50 17.19 18.93 -19.43
N SER A 51 17.31 20.20 -19.83
CA SER A 51 16.64 21.25 -19.10
C SER A 51 15.14 21.08 -19.14
N VAL A 52 14.50 21.42 -18.03
CA VAL A 52 13.05 21.34 -17.92
C VAL A 52 12.48 22.74 -17.75
N ASP A 53 13.20 23.75 -18.23
CA ASP A 53 12.85 25.14 -17.94
C ASP A 53 12.28 25.87 -19.14
N SER A 54 11.37 26.79 -18.85
CA SER A 54 11.06 27.90 -19.73
C SER A 54 11.85 29.12 -19.28
N PHE A 55 11.59 30.26 -19.95
CA PHE A 55 12.17 31.52 -19.50
C PHE A 55 11.75 31.84 -18.08
N ASP A 56 10.59 31.34 -17.66
CA ASP A 56 9.93 31.76 -16.43
C ASP A 56 9.87 30.70 -15.33
N ASN A 57 9.93 29.42 -15.67
CA ASN A 57 9.66 28.37 -14.69
C ASN A 57 10.52 27.15 -14.93
N SER A 58 10.65 26.34 -13.88
CA SER A 58 11.14 24.98 -13.97
C SER A 58 9.94 24.05 -13.80
N PHE A 59 9.72 23.16 -14.76
CA PHE A 59 8.53 22.30 -14.75
C PHE A 59 8.82 20.97 -14.06
N ILE A 60 9.14 21.11 -12.77
CA ILE A 60 9.50 20.00 -11.89
C ILE A 60 8.53 20.02 -10.72
N HIS A 61 7.97 18.86 -10.39
CA HIS A 61 7.02 18.75 -9.30
C HIS A 61 7.42 17.59 -8.41
N TRP A 62 7.05 17.66 -7.14
CA TRP A 62 7.40 16.67 -6.14
C TRP A 62 6.16 16.11 -5.48
N TYR A 63 6.15 14.78 -5.29
CA TYR A 63 5.05 14.04 -4.71
C TYR A 63 5.53 13.14 -3.60
N GLN A 64 4.65 12.92 -2.62
CA GLN A 64 4.84 11.96 -1.54
C GLN A 64 3.85 10.82 -1.73
N GLN A 65 4.32 9.59 -1.59
CA GLN A 65 3.42 8.45 -1.71
C GLN A 65 3.66 7.42 -0.61
N LYS A 66 2.59 7.02 0.05
CA LYS A 66 2.67 5.91 0.97
C LYS A 66 2.00 4.69 0.34
N PRO A 67 2.48 3.48 0.62
CA PRO A 67 1.92 2.30 -0.05
C PRO A 67 0.41 2.21 0.12
N GLY A 68 -0.29 1.90 -0.98
CA GLY A 68 -1.73 1.78 -0.97
C GLY A 68 -2.49 3.06 -1.18
N GLN A 69 -1.83 4.21 -1.20
CA GLN A 69 -2.45 5.51 -1.39
C GLN A 69 -1.95 6.11 -2.70
N PRO A 70 -2.70 7.03 -3.30
CA PRO A 70 -2.18 7.75 -4.44
C PRO A 70 -1.08 8.70 -4.01
N PRO A 71 -0.24 9.13 -4.94
CA PRO A 71 0.72 10.21 -4.68
C PRO A 71 0.00 11.47 -4.24
N LYS A 72 0.67 12.25 -3.39
CA LYS A 72 0.19 13.54 -2.90
C LYS A 72 1.14 14.62 -3.37
N LEU A 73 0.61 15.68 -3.97
CA LEU A 73 1.45 16.77 -4.46
C LEU A 73 1.99 17.60 -3.30
N LEU A 74 3.31 17.83 -3.30
CA LEU A 74 3.96 18.66 -2.30
C LEU A 74 4.36 20.03 -2.82
N ILE A 75 5.04 20.03 -3.96
CA ILE A 75 5.70 21.20 -4.52
C ILE A 75 5.41 21.21 -6.01
N PHE A 76 5.00 22.35 -6.56
CA PHE A 76 4.81 22.46 -7.99
C PHE A 76 5.69 23.57 -8.55
N LEU A 77 6.06 23.42 -9.82
CA LEU A 77 6.91 24.39 -10.53
C LEU A 77 8.16 24.69 -9.71
N ALA A 78 8.82 23.61 -9.27
CA ALA A 78 10.11 23.60 -8.58
C ALA A 78 10.06 24.13 -7.15
N SER A 79 9.29 25.20 -6.90
CA SER A 79 9.40 25.87 -5.60
C SER A 79 8.08 26.29 -4.96
N SER A 80 6.93 26.05 -5.56
CA SER A 80 5.67 26.51 -4.98
C SER A 80 5.08 25.44 -4.08
N LEU A 81 4.75 25.82 -2.85
CA LEU A 81 4.18 24.90 -1.87
C LEU A 81 2.69 24.69 -2.16
N GLU A 82 2.30 23.44 -2.34
CA GLU A 82 0.90 23.11 -2.59
C GLU A 82 0.03 23.44 -1.38
N SER A 83 -1.15 24.00 -1.67
CA SER A 83 -2.11 24.31 -0.61
C SER A 83 -2.43 23.06 0.22
N GLY A 84 -2.43 23.25 1.53
CA GLY A 84 -2.71 22.16 2.46
C GLY A 84 -1.51 21.36 2.87
N VAL A 85 -0.35 21.62 2.30
CA VAL A 85 0.88 20.90 2.62
C VAL A 85 1.62 21.68 3.70
N PRO A 86 2.19 21.01 4.69
CA PRO A 86 2.91 21.73 5.76
C PRO A 86 4.12 22.48 5.21
N ALA A 87 4.34 23.67 5.78
CA ALA A 87 5.50 24.50 5.44
C ALA A 87 6.80 23.95 6.02
N ARG A 88 6.93 22.63 6.03
CA ARG A 88 8.20 21.96 6.24
C ARG A 88 8.81 21.49 4.94
N PHE A 89 8.03 21.50 3.86
CA PHE A 89 8.48 21.09 2.54
C PHE A 89 8.79 22.33 1.71
N SER A 90 9.95 22.33 1.07
CA SER A 90 10.33 23.40 0.16
C SER A 90 11.12 22.79 -0.98
N GLY A 91 11.07 23.45 -2.13
CA GLY A 91 11.73 22.97 -3.32
C GLY A 91 12.57 24.07 -3.94
N SER A 92 13.65 23.65 -4.61
CA SER A 92 14.54 24.59 -5.25
C SER A 92 15.20 23.95 -6.47
N GLY A 93 15.87 24.78 -7.26
CA GLY A 93 16.64 24.32 -8.39
C GLY A 93 16.13 24.90 -9.71
N SER A 94 16.95 24.73 -10.73
CA SER A 94 16.63 25.15 -12.09
C SER A 94 17.46 24.35 -13.06
N ARG A 95 17.15 24.49 -14.35
CA ARG A 95 17.84 23.79 -15.44
C ARG A 95 17.66 22.29 -15.29
N THR A 96 18.67 21.60 -14.72
CA THR A 96 18.63 20.16 -14.55
C THR A 96 18.72 19.69 -13.11
N ASP A 97 19.03 20.55 -12.15
CA ASP A 97 19.35 20.11 -10.80
C ASP A 97 18.33 20.65 -9.82
N PHE A 98 17.59 19.74 -9.16
CA PHE A 98 16.49 20.11 -8.28
C PHE A 98 16.61 19.44 -6.92
N THR A 99 16.08 20.14 -5.91
CA THR A 99 16.17 19.70 -4.52
C THR A 99 14.83 19.83 -3.81
N LEU A 100 14.44 18.77 -3.12
CA LEU A 100 13.35 18.83 -2.16
C LEU A 100 13.96 18.87 -0.77
N THR A 101 13.50 19.82 0.05
CA THR A 101 13.95 19.94 1.43
C THR A 101 12.79 19.64 2.36
N ILE A 102 13.07 18.84 3.39
CA ILE A 102 12.15 18.57 4.48
C ILE A 102 12.79 19.07 5.76
N ASP A 103 12.15 20.05 6.40
CA ASP A 103 12.72 20.68 7.60
C ASP A 103 11.60 21.31 8.43
N PRO A 104 11.32 20.78 9.63
CA PRO A 104 11.94 19.57 10.19
C PRO A 104 11.23 18.28 9.75
N VAL A 105 11.97 17.18 9.73
CA VAL A 105 11.37 15.87 9.43
C VAL A 105 10.48 15.43 10.59
N GLU A 106 9.30 14.91 10.26
CA GLU A 106 8.36 14.36 11.24
C GLU A 106 8.10 12.89 10.92
N ALA A 107 7.46 12.19 11.87
CA ALA A 107 7.20 10.76 11.69
C ALA A 107 6.27 10.50 10.52
N ASP A 108 5.34 11.42 10.26
CA ASP A 108 4.43 11.28 9.13
C ASP A 108 5.15 11.30 7.78
N ASP A 109 6.43 11.67 7.74
CA ASP A 109 7.13 11.81 6.46
C ASP A 109 7.67 10.48 5.93
N ALA A 110 7.54 9.39 6.67
CA ALA A 110 7.93 8.08 6.16
C ALA A 110 7.10 7.73 4.93
N ALA A 111 7.76 7.62 3.78
CA ALA A 111 7.08 7.57 2.49
C ALA A 111 8.13 7.48 1.40
N THR A 112 7.67 7.27 0.16
CA THR A 112 8.51 7.42 -1.02
C THR A 112 8.21 8.76 -1.67
N TYR A 113 9.27 9.45 -2.09
CA TYR A 113 9.14 10.75 -2.72
C TYR A 113 9.52 10.65 -4.19
N TYR A 114 8.73 11.27 -5.05
CA TYR A 114 8.96 11.27 -6.50
C TYR A 114 9.05 12.68 -7.04
N CYS A 115 10.00 12.89 -7.95
CA CYS A 115 9.93 14.08 -8.78
C CYS A 115 9.35 13.71 -10.14
N GLN A 116 8.87 14.73 -10.85
CA GLN A 116 8.19 14.54 -12.11
C GLN A 116 8.42 15.80 -12.95
N GLN A 117 8.69 15.63 -14.25
CA GLN A 117 8.77 16.78 -15.13
C GLN A 117 7.60 16.83 -16.11
N SER A 118 7.23 18.06 -16.47
CA SER A 118 6.17 18.30 -17.45
C SER A 118 6.60 19.31 -18.52
N ASN A 119 7.90 19.54 -18.69
CA ASN A 119 8.30 20.46 -19.75
C ASN A 119 8.20 19.84 -21.13
N GLU A 120 8.31 18.53 -21.21
CA GLU A 120 8.42 17.83 -22.48
C GLU A 120 7.54 16.59 -22.40
N ASP A 121 6.91 16.24 -23.53
CA ASP A 121 6.15 15.00 -23.59
C ASP A 121 7.06 13.85 -24.06
N PRO A 122 6.94 12.64 -23.50
CA PRO A 122 6.01 12.29 -22.43
C PRO A 122 6.43 12.83 -21.07
N PHE A 123 5.45 13.12 -20.21
CA PHE A 123 5.76 13.42 -18.82
C PHE A 123 6.44 12.20 -18.22
N THR A 124 7.46 12.46 -17.39
CA THR A 124 8.22 11.38 -16.78
C THR A 124 8.42 11.63 -15.28
N PHE A 125 8.61 10.54 -14.57
CA PHE A 125 8.86 10.51 -13.13
C PHE A 125 10.26 9.98 -12.84
N GLY A 126 10.84 10.45 -11.73
CA GLY A 126 12.01 9.78 -11.17
C GLY A 126 11.64 8.46 -10.53
N SER A 127 12.65 7.66 -10.18
CA SER A 127 12.35 6.32 -9.66
C SER A 127 12.13 6.30 -8.15
N GLY A 128 12.25 7.43 -7.49
CA GLY A 128 11.76 7.55 -6.13
C GLY A 128 12.86 7.49 -5.10
N THR A 129 12.59 8.11 -3.96
CA THR A 129 13.46 8.08 -2.78
C THR A 129 12.60 7.64 -1.61
N LYS A 130 12.97 6.53 -0.98
CA LYS A 130 12.23 6.03 0.17
C LYS A 130 12.83 6.59 1.45
N LEU A 131 12.04 7.38 2.18
CA LEU A 131 12.47 8.01 3.43
C LEU A 131 12.03 7.15 4.59
N GLU A 132 13.00 6.76 5.44
CA GLU A 132 12.74 6.03 6.66
C GLU A 132 13.05 6.94 7.85
N ILE A 133 12.34 6.74 8.95
CA ILE A 133 12.57 7.49 10.17
C ILE A 133 13.48 6.68 11.08
N LYS A 134 14.57 7.29 11.53
CA LYS A 134 15.44 6.66 12.51
C LYS A 134 14.96 7.01 13.91
N ARG A 135 14.87 6.00 14.77
CA ARG A 135 14.44 6.18 16.15
C ARG A 135 15.17 5.16 17.03
N ALA A 136 14.88 5.20 18.32
CA ALA A 136 15.51 4.28 19.26
C ALA A 136 15.00 2.86 19.06
N ASP A 137 15.85 1.89 19.36
CA ASP A 137 15.47 0.49 19.26
C ASP A 137 14.31 0.18 20.19
N ALA A 138 13.40 -0.69 19.75
CA ALA A 138 12.25 -1.12 20.53
C ALA A 138 12.07 -2.61 20.35
N ALA A 139 11.85 -3.32 21.45
CA ALA A 139 11.62 -4.74 21.32
C ALA A 139 10.19 -5.01 20.87
N PRO A 140 9.99 -6.09 20.11
CA PRO A 140 8.63 -6.43 19.68
C PRO A 140 7.76 -6.93 20.82
N THR A 141 6.46 -6.67 20.71
CA THR A 141 5.44 -7.35 21.52
C THR A 141 4.94 -8.53 20.71
N VAL A 142 5.07 -9.73 21.26
CA VAL A 142 4.83 -10.96 20.51
C VAL A 142 3.55 -11.63 21.00
N SER A 143 2.69 -12.01 20.07
CA SER A 143 1.43 -12.70 20.38
C SER A 143 1.26 -13.88 19.44
N ILE A 144 0.87 -15.03 19.98
CA ILE A 144 0.70 -16.24 19.17
C ILE A 144 -0.77 -16.64 19.17
N PHE A 145 -1.21 -17.21 18.04
CA PHE A 145 -2.62 -17.53 17.81
C PHE A 145 -2.78 -18.92 17.20
N PRO A 146 -3.34 -19.88 17.93
CA PRO A 146 -3.65 -21.19 17.34
C PRO A 146 -4.62 -21.04 16.19
N PRO A 147 -4.73 -22.08 15.35
CA PRO A 147 -5.77 -22.08 14.30
C PRO A 147 -7.14 -21.80 14.90
N SER A 148 -7.95 -21.04 14.16
CA SER A 148 -9.32 -20.79 14.59
C SER A 148 -10.15 -22.06 14.48
N SER A 149 -11.18 -22.15 15.32
CA SER A 149 -12.07 -23.32 15.25
C SER A 149 -12.71 -23.44 13.88
N GLU A 150 -13.02 -22.30 13.24
CA GLU A 150 -13.62 -22.35 11.91
C GLU A 150 -12.65 -22.93 10.89
N GLN A 151 -11.38 -22.50 10.92
CA GLN A 151 -10.41 -23.05 9.97
C GLN A 151 -10.24 -24.55 10.16
N LEU A 152 -10.24 -25.01 11.42
CA LEU A 152 -10.10 -26.44 11.68
C LEU A 152 -11.31 -27.22 11.18
N THR A 153 -12.52 -26.63 11.23
CA THR A 153 -13.67 -27.29 10.64
C THR A 153 -13.51 -27.44 9.14
N SER A 154 -12.94 -26.43 8.48
CA SER A 154 -12.66 -26.50 7.05
C SER A 154 -11.53 -27.47 6.71
N GLY A 155 -10.83 -28.00 7.71
CA GLY A 155 -9.72 -28.89 7.46
C GLY A 155 -8.39 -28.22 7.26
N GLY A 156 -8.25 -26.95 7.64
CA GLY A 156 -6.99 -26.25 7.57
C GLY A 156 -6.49 -25.89 8.96
N ALA A 157 -5.26 -25.40 9.01
CA ALA A 157 -4.66 -24.98 10.28
C ALA A 157 -3.50 -24.03 10.00
N SER A 158 -3.70 -22.75 10.29
CA SER A 158 -2.64 -21.76 10.26
C SER A 158 -2.36 -21.29 11.67
N VAL A 159 -1.08 -21.18 12.02
CA VAL A 159 -0.65 -20.64 13.29
C VAL A 159 -0.06 -19.27 13.02
N VAL A 160 -0.53 -18.26 13.76
CA VAL A 160 -0.17 -16.87 13.47
C VAL A 160 0.57 -16.29 14.65
N CYS A 161 1.61 -15.52 14.34
CA CYS A 161 2.39 -14.82 15.33
C CYS A 161 2.55 -13.37 14.89
N PHE A 162 2.16 -12.45 15.74
CA PHE A 162 2.36 -11.02 15.49
C PHE A 162 3.55 -10.54 16.31
N LEU A 163 4.44 -9.80 15.66
CA LEU A 163 5.61 -9.22 16.31
C LEU A 163 5.44 -7.72 16.08
N ASN A 164 4.99 -7.00 17.10
CA ASN A 164 4.43 -5.68 16.87
C ASN A 164 5.26 -4.56 17.52
N ASN A 165 5.37 -3.46 16.78
CA ASN A 165 5.91 -2.18 17.25
C ASN A 165 7.36 -2.31 17.73
N PHE A 166 8.22 -2.77 16.82
CA PHE A 166 9.64 -2.92 17.11
C PHE A 166 10.48 -2.05 16.17
N TYR A 167 11.75 -1.87 16.54
CA TYR A 167 12.69 -1.13 15.70
C TYR A 167 14.09 -1.59 16.04
N PRO A 168 14.98 -1.77 15.04
CA PRO A 168 14.82 -1.57 13.60
C PRO A 168 14.01 -2.67 12.91
N LYS A 169 13.84 -2.54 11.60
CA LYS A 169 12.99 -3.46 10.85
C LYS A 169 13.55 -4.89 10.84
N ASP A 170 14.88 -5.03 10.86
CA ASP A 170 15.49 -6.35 10.79
C ASP A 170 15.07 -7.18 11.99
N ILE A 171 14.51 -8.37 11.73
CA ILE A 171 14.08 -9.25 12.80
C ILE A 171 14.04 -10.67 12.25
N ASN A 172 14.21 -11.64 13.12
CA ASN A 172 14.23 -13.05 12.74
C ASN A 172 13.14 -13.78 13.51
N VAL A 173 12.32 -14.55 12.80
CA VAL A 173 11.26 -15.35 13.40
C VAL A 173 11.50 -16.82 13.04
N LYS A 174 11.39 -17.68 14.04
CA LYS A 174 11.53 -19.11 13.84
C LYS A 174 10.34 -19.83 14.46
N TRP A 175 9.86 -20.85 13.78
CA TRP A 175 8.77 -21.69 14.25
C TRP A 175 9.33 -23.04 14.70
N LYS A 176 8.95 -23.47 15.90
CA LYS A 176 9.33 -24.76 16.43
C LYS A 176 8.08 -25.58 16.70
N ILE A 177 8.06 -26.81 16.19
CA ILE A 177 6.96 -27.75 16.39
C ILE A 177 7.53 -28.95 17.12
N ASP A 178 7.16 -29.11 18.39
CA ASP A 178 7.63 -30.22 19.21
C ASP A 178 9.16 -30.28 19.21
N GLY A 179 9.80 -29.12 19.31
CA GLY A 179 11.24 -29.05 19.42
C GLY A 179 12.00 -29.08 18.11
N SER A 180 11.31 -29.11 16.97
CA SER A 180 11.95 -29.08 15.66
C SER A 180 11.62 -27.76 14.97
N GLU A 181 12.65 -27.08 14.48
CA GLU A 181 12.47 -25.82 13.78
C GLU A 181 11.91 -26.08 12.39
N ARG A 182 11.02 -25.20 11.93
CA ARG A 182 10.37 -25.39 10.65
C ARG A 182 10.24 -24.07 9.91
N GLN A 183 10.67 -24.05 8.64
CA GLN A 183 10.49 -22.90 7.78
C GLN A 183 9.50 -23.15 6.65
N ASN A 184 9.32 -24.40 6.23
CA ASN A 184 8.40 -24.71 5.15
C ASN A 184 6.98 -24.30 5.53
N GLY A 185 6.35 -23.48 4.68
CA GLY A 185 4.99 -23.03 4.94
C GLY A 185 4.86 -21.75 5.73
N VAL A 186 5.96 -21.09 6.06
CA VAL A 186 5.95 -19.85 6.82
C VAL A 186 5.84 -18.66 5.87
N LEU A 187 4.89 -17.76 6.15
CA LEU A 187 4.68 -16.55 5.37
C LEU A 187 4.89 -15.35 6.28
N ASN A 188 5.89 -14.52 5.97
CA ASN A 188 6.25 -13.36 6.78
C ASN A 188 5.93 -12.09 6.02
N SER A 189 5.17 -11.18 6.66
CA SER A 189 4.81 -9.91 6.05
C SER A 189 5.07 -8.77 7.02
N TRP A 190 5.88 -7.80 6.60
CA TRP A 190 6.17 -6.62 7.39
C TRP A 190 5.23 -5.48 7.02
N THR A 191 4.78 -4.73 8.02
CA THR A 191 4.10 -3.48 7.74
C THR A 191 5.09 -2.45 7.21
N ASP A 192 4.54 -1.43 6.56
CA ASP A 192 5.31 -0.22 6.32
C ASP A 192 5.46 0.56 7.63
N GLN A 193 6.54 1.34 7.71
CA GLN A 193 6.85 2.05 8.95
C GLN A 193 5.67 2.89 9.44
N ASP A 194 5.39 2.79 10.74
CA ASP A 194 4.22 3.43 11.33
C ASP A 194 4.36 4.95 11.29
N SER A 195 3.31 5.64 10.81
CA SER A 195 3.37 7.08 10.63
C SER A 195 3.36 7.85 11.94
N LYS A 196 3.05 7.18 13.06
CA LYS A 196 2.99 7.80 14.37
C LYS A 196 4.24 7.53 15.20
N ASP A 197 4.56 6.25 15.43
CA ASP A 197 5.67 5.91 16.33
C ASP A 197 6.89 5.37 15.61
N SER A 198 6.86 5.33 14.27
CA SER A 198 8.01 4.98 13.45
C SER A 198 8.53 3.57 13.71
N THR A 199 7.71 2.70 14.29
CA THR A 199 8.09 1.30 14.46
C THR A 199 7.64 0.49 13.26
N TYR A 200 8.04 -0.78 13.25
CA TYR A 200 7.59 -1.77 12.31
C TYR A 200 6.86 -2.87 13.06
N SER A 201 6.03 -3.60 12.33
CA SER A 201 5.37 -4.79 12.84
C SER A 201 5.48 -5.87 11.78
N MET A 202 5.39 -7.13 12.21
CA MET A 202 5.45 -8.20 11.23
C MET A 202 4.51 -9.30 11.66
N SER A 203 3.95 -9.99 10.66
CA SER A 203 3.08 -11.13 10.85
C SER A 203 3.75 -12.35 10.25
N SER A 204 3.87 -13.41 11.05
CA SER A 204 4.41 -14.68 10.61
C SER A 204 3.33 -15.73 10.72
N THR A 205 2.95 -16.33 9.59
CA THR A 205 1.92 -17.36 9.60
C THR A 205 2.52 -18.67 9.14
N LEU A 206 2.39 -19.69 9.99
CA LEU A 206 2.80 -21.06 9.66
C LEU A 206 1.56 -21.82 9.23
N THR A 207 1.49 -22.18 7.95
CA THR A 207 0.30 -22.86 7.44
C THR A 207 0.59 -24.34 7.25
N LEU A 208 -0.14 -25.16 7.99
CA LEU A 208 -0.09 -26.60 7.92
C LEU A 208 -1.45 -27.13 7.47
N THR A 209 -1.49 -28.41 7.13
CA THR A 209 -2.78 -29.06 7.01
C THR A 209 -3.30 -29.40 8.40
N LYS A 210 -4.63 -29.48 8.53
CA LYS A 210 -5.21 -29.77 9.83
C LYS A 210 -4.80 -31.15 10.32
N ASP A 211 -4.81 -32.15 9.44
CA ASP A 211 -4.40 -33.48 9.83
C ASP A 211 -2.95 -33.48 10.30
N GLU A 212 -2.11 -32.61 9.74
CA GLU A 212 -0.74 -32.48 10.21
C GLU A 212 -0.67 -31.74 11.53
N TYR A 213 -1.48 -30.69 11.68
CA TYR A 213 -1.44 -29.89 12.90
C TYR A 213 -1.81 -30.70 14.14
N GLU A 214 -2.90 -31.47 14.07
CA GLU A 214 -3.39 -32.16 15.26
C GLU A 214 -2.61 -33.44 15.55
N ARG A 215 -1.53 -33.71 14.83
CA ARG A 215 -0.61 -34.77 15.19
C ARG A 215 0.55 -34.29 16.03
N HIS A 216 0.67 -32.98 16.24
CA HIS A 216 1.70 -32.39 17.07
C HIS A 216 1.06 -31.51 18.13
N ASN A 217 1.81 -31.22 19.21
CA ASN A 217 1.19 -30.54 20.33
C ASN A 217 1.87 -29.23 20.74
N SER A 218 3.19 -29.13 20.63
CA SER A 218 3.90 -27.92 21.05
C SER A 218 4.20 -27.03 19.85
N TYR A 219 3.73 -25.78 19.92
CA TYR A 219 3.92 -24.80 18.85
C TYR A 219 4.51 -23.52 19.41
N THR A 220 5.63 -23.09 18.84
CA THR A 220 6.38 -21.95 19.37
C THR A 220 6.79 -20.99 18.25
N CYS A 221 6.53 -19.71 18.49
N CYS A 221 6.52 -19.71 18.41
CA CYS A 221 7.05 -18.58 17.71
CA CYS A 221 7.14 -18.70 17.55
C CYS A 221 8.21 -17.99 18.49
C CYS A 221 8.17 -17.94 18.38
N GLU A 222 9.39 -17.89 17.86
CA GLU A 222 10.55 -17.32 18.53
C GLU A 222 11.03 -16.10 17.76
N ALA A 223 11.14 -14.97 18.47
CA ALA A 223 11.51 -13.70 17.86
C ALA A 223 12.90 -13.31 18.33
N THR A 224 13.83 -13.17 17.40
CA THR A 224 15.19 -12.74 17.70
C THR A 224 15.41 -11.35 17.12
N HIS A 225 15.73 -10.40 17.99
CA HIS A 225 15.83 -9.00 17.63
C HIS A 225 17.02 -8.40 18.37
N LYS A 226 17.63 -7.37 17.78
CA LYS A 226 18.86 -6.82 18.34
C LYS A 226 18.65 -6.20 19.72
N THR A 227 17.41 -6.03 20.16
CA THR A 227 17.13 -5.49 21.49
C THR A 227 17.44 -6.47 22.61
N SER A 228 17.76 -7.73 22.30
CA SER A 228 18.18 -8.69 23.31
C SER A 228 18.82 -9.90 22.62
N THR A 229 19.80 -10.50 23.29
CA THR A 229 20.44 -11.68 22.72
C THR A 229 19.54 -12.91 22.87
N SER A 230 18.71 -12.94 23.91
CA SER A 230 17.79 -14.05 24.14
C SER A 230 16.50 -13.82 23.37
N PRO A 231 16.02 -14.82 22.63
CA PRO A 231 14.79 -14.61 21.85
C PRO A 231 13.57 -14.48 22.74
N ILE A 232 12.58 -13.76 22.24
CA ILE A 232 11.26 -13.74 22.85
C ILE A 232 10.49 -14.95 22.37
N VAL A 233 9.98 -15.75 23.32
CA VAL A 233 9.36 -17.03 23.00
C VAL A 233 7.89 -16.98 23.41
N LYS A 234 7.01 -17.28 22.46
CA LYS A 234 5.59 -17.43 22.71
C LYS A 234 5.15 -18.80 22.20
N SER A 235 4.40 -19.54 23.03
CA SER A 235 4.08 -20.90 22.67
C SER A 235 2.70 -21.26 23.21
N PHE A 236 2.18 -22.37 22.71
CA PHE A 236 0.96 -22.96 23.25
C PHE A 236 1.00 -24.45 22.99
N ASN A 237 0.17 -25.18 23.72
CA ASN A 237 0.02 -26.61 23.52
C ASN A 237 -1.39 -26.89 23.01
N ARG A 238 -1.46 -27.61 21.89
CA ARG A 238 -2.73 -27.90 21.23
C ARG A 238 -3.69 -28.64 22.15
N GLU B 24 -11.37 21.96 -2.15
CA GLU B 24 -11.04 20.55 -2.35
C GLU B 24 -12.05 19.93 -3.30
N VAL B 25 -11.61 18.96 -4.09
CA VAL B 25 -12.46 18.22 -5.01
C VAL B 25 -12.26 16.73 -4.77
N GLN B 26 -13.00 15.90 -5.52
CA GLN B 26 -12.88 14.46 -5.38
C GLN B 26 -12.89 13.78 -6.74
N LEU B 27 -11.97 12.85 -6.93
CA LEU B 27 -11.92 11.95 -8.08
C LEU B 27 -12.18 10.53 -7.59
N GLN B 28 -13.27 9.93 -8.06
CA GLN B 28 -13.71 8.61 -7.59
C GLN B 28 -13.53 7.61 -8.72
N GLN B 29 -12.63 6.66 -8.52
CA GLN B 29 -12.37 5.68 -9.56
C GLN B 29 -13.23 4.43 -9.39
N SER B 30 -13.43 3.73 -10.50
CA SER B 30 -14.17 2.47 -10.53
C SER B 30 -13.40 1.38 -9.79
N GLY B 31 -14.07 0.26 -9.57
CA GLY B 31 -13.54 -0.77 -8.71
C GLY B 31 -12.54 -1.70 -9.38
N ALA B 32 -11.89 -2.50 -8.55
CA ALA B 32 -10.88 -3.44 -9.01
C ALA B 32 -11.43 -4.38 -10.08
N GLU B 33 -10.56 -4.83 -10.98
CA GLU B 33 -10.96 -5.68 -12.08
C GLU B 33 -9.95 -6.80 -12.31
N LEU B 34 -10.48 -8.00 -12.60
CA LEU B 34 -9.69 -9.15 -13.03
C LEU B 34 -9.99 -9.38 -14.50
N VAL B 35 -8.94 -9.43 -15.33
CA VAL B 35 -9.06 -9.44 -16.79
C VAL B 35 -8.28 -10.63 -17.35
N LYS B 36 -8.92 -11.41 -18.23
CA LYS B 36 -8.22 -12.48 -18.92
C LYS B 36 -7.23 -11.90 -19.94
N PRO B 37 -6.10 -12.58 -20.15
CA PRO B 37 -5.16 -12.15 -21.20
C PRO B 37 -5.86 -12.04 -22.54
N GLY B 38 -5.60 -10.94 -23.24
CA GLY B 38 -6.18 -10.71 -24.55
C GLY B 38 -7.47 -9.93 -24.54
N ALA B 39 -8.16 -9.86 -23.40
CA ALA B 39 -9.38 -9.10 -23.23
C ALA B 39 -9.03 -7.64 -23.01
N SER B 40 -10.07 -6.81 -22.88
CA SER B 40 -9.92 -5.39 -22.65
C SER B 40 -10.70 -5.00 -21.41
N VAL B 41 -10.43 -3.79 -20.92
CA VAL B 41 -11.12 -3.27 -19.74
C VAL B 41 -11.18 -1.75 -19.86
N LYS B 42 -12.24 -1.17 -19.29
CA LYS B 42 -12.44 0.28 -19.32
C LYS B 42 -12.64 0.76 -17.89
N LEU B 43 -11.76 1.66 -17.45
CA LEU B 43 -11.78 2.22 -16.10
C LEU B 43 -12.40 3.61 -16.13
N SER B 44 -13.05 4.00 -15.04
CA SER B 44 -13.67 5.31 -14.97
C SER B 44 -13.14 6.12 -13.80
N CYS B 45 -13.29 7.44 -13.90
CA CYS B 45 -12.78 8.41 -12.94
C CYS B 45 -13.79 9.56 -12.91
N THR B 46 -14.68 9.55 -11.92
CA THR B 46 -15.78 10.50 -11.85
C THR B 46 -15.41 11.65 -10.94
N ALA B 47 -15.54 12.87 -11.45
CA ALA B 47 -15.11 14.06 -10.74
C ALA B 47 -16.30 14.74 -10.06
N SER B 48 -16.12 15.15 -8.82
CA SER B 48 -17.12 15.95 -8.12
C SER B 48 -16.46 17.21 -7.55
N GLY B 49 -17.20 18.31 -7.58
CA GLY B 49 -16.73 19.59 -7.06
C GLY B 49 -16.24 20.58 -8.10
N PHE B 50 -16.15 20.17 -9.36
CA PHE B 50 -15.63 21.03 -10.43
C PHE B 50 -16.02 20.41 -11.75
N ASN B 51 -15.91 21.23 -12.80
CA ASN B 51 -16.22 20.86 -14.18
C ASN B 51 -14.96 20.29 -14.83
N ILE B 52 -15.05 19.07 -15.38
CA ILE B 52 -13.86 18.45 -15.97
C ILE B 52 -13.34 19.22 -17.17
N LYS B 53 -14.17 20.07 -17.80
CA LYS B 53 -13.71 20.89 -18.91
C LYS B 53 -12.70 21.94 -18.48
N ASP B 54 -12.58 22.19 -17.17
CA ASP B 54 -11.70 23.24 -16.67
C ASP B 54 -10.35 22.70 -16.21
N THR B 55 -9.97 21.49 -16.65
CA THR B 55 -8.64 20.99 -16.33
C THR B 55 -8.17 20.04 -17.42
N PHE B 56 -6.99 19.46 -17.19
CA PHE B 56 -6.47 18.36 -17.99
C PHE B 56 -6.45 17.14 -17.08
N PHE B 57 -6.90 16.00 -17.61
CA PHE B 57 -6.93 14.74 -16.89
C PHE B 57 -5.77 13.88 -17.37
N HIS B 58 -5.23 13.08 -16.46
CA HIS B 58 -4.08 12.22 -16.74
C HIS B 58 -4.40 10.85 -16.22
N TRP B 59 -3.83 9.84 -16.87
CA TRP B 59 -3.83 8.50 -16.31
C TRP B 59 -2.38 8.08 -16.07
N VAL B 60 -2.16 7.46 -14.92
CA VAL B 60 -0.83 7.09 -14.46
C VAL B 60 -0.85 5.63 -14.01
N LYS B 61 0.13 4.86 -14.44
CA LYS B 61 0.24 3.44 -14.16
C LYS B 61 1.31 3.20 -13.09
N GLN B 62 1.04 2.27 -12.18
CA GLN B 62 2.03 1.87 -11.17
C GLN B 62 2.01 0.36 -11.02
N ARG B 63 3.03 -0.30 -11.55
CA ARG B 63 3.13 -1.74 -11.39
C ARG B 63 3.53 -2.06 -9.97
N PRO B 64 3.27 -3.30 -9.50
CA PRO B 64 3.51 -3.63 -8.09
C PRO B 64 4.95 -3.40 -7.68
N GLU B 65 5.12 -2.66 -6.58
CA GLU B 65 6.42 -2.28 -6.03
C GLU B 65 7.27 -1.48 -7.00
N GLN B 66 6.68 -0.89 -8.03
CA GLN B 66 7.44 -0.12 -8.99
C GLN B 66 7.05 1.36 -8.91
N GLY B 67 7.59 2.14 -9.84
CA GLY B 67 7.35 3.56 -9.88
C GLY B 67 6.18 3.95 -10.75
N LEU B 68 6.10 5.25 -11.03
CA LEU B 68 4.95 5.83 -11.71
C LEU B 68 5.27 6.02 -13.19
N GLU B 69 4.28 5.73 -14.04
CA GLU B 69 4.40 5.86 -15.49
C GLU B 69 3.22 6.65 -16.01
N TRP B 70 3.50 7.80 -16.62
CA TRP B 70 2.45 8.61 -17.20
C TRP B 70 1.98 7.99 -18.50
N ILE B 71 0.69 7.73 -18.63
CA ILE B 71 0.15 7.10 -19.82
C ILE B 71 -0.20 8.13 -20.87
N GLY B 72 -0.92 9.16 -20.46
CA GLY B 72 -1.30 10.22 -21.36
C GLY B 72 -2.29 11.13 -20.68
N ARG B 73 -2.81 12.08 -21.46
CA ARG B 73 -3.70 13.09 -20.92
C ARG B 73 -4.80 13.40 -21.92
N ILE B 74 -5.86 14.01 -21.42
CA ILE B 74 -6.97 14.46 -22.23
C ILE B 74 -7.43 15.82 -21.73
N ASP B 75 -7.87 16.67 -22.67
N ASP B 75 -7.82 16.67 -22.67
CA ASP B 75 -8.53 17.93 -22.37
CA ASP B 75 -8.52 17.91 -22.38
C ASP B 75 -10.02 17.72 -22.57
C ASP B 75 -10.00 17.66 -22.57
N PRO B 76 -10.81 17.55 -21.52
CA PRO B 76 -12.25 17.24 -21.73
C PRO B 76 -13.03 18.34 -22.45
N ALA B 77 -12.52 19.58 -22.48
CA ALA B 77 -13.24 20.63 -23.17
C ALA B 77 -13.35 20.37 -24.67
N ASP B 78 -12.38 19.64 -25.26
CA ASP B 78 -12.47 19.34 -26.69
C ASP B 78 -12.07 17.91 -27.03
N GLY B 79 -11.76 17.08 -26.05
CA GLY B 79 -11.35 15.71 -26.27
C GLY B 79 -9.91 15.52 -26.67
N HIS B 80 -9.13 16.58 -26.84
CA HIS B 80 -7.78 16.40 -27.34
C HIS B 80 -6.94 15.54 -26.40
N THR B 81 -6.19 14.61 -26.99
CA THR B 81 -5.35 13.68 -26.23
C THR B 81 -3.90 13.76 -26.65
N LYS B 82 -3.04 13.32 -25.72
CA LYS B 82 -1.62 13.15 -25.95
C LYS B 82 -1.18 11.95 -25.14
N TYR B 83 -0.50 11.02 -25.78
CA TYR B 83 -0.04 9.79 -25.13
C TYR B 83 1.48 9.71 -25.13
N ASP B 84 2.01 9.07 -24.11
CA ASP B 84 3.34 8.48 -24.23
C ASP B 84 3.29 7.43 -25.33
N PRO B 85 4.16 7.50 -26.34
CA PRO B 85 4.14 6.48 -27.42
C PRO B 85 4.20 5.05 -26.93
N LYS B 86 4.83 4.81 -25.76
CA LYS B 86 4.86 3.49 -25.18
C LYS B 86 3.47 2.89 -25.06
N PHE B 87 2.45 3.73 -24.87
CA PHE B 87 1.10 3.27 -24.62
C PHE B 87 0.17 3.43 -25.81
N GLN B 88 0.67 3.93 -26.94
CA GLN B 88 -0.12 4.02 -28.16
C GLN B 88 -0.64 2.65 -28.55
N GLY B 89 -1.93 2.56 -28.82
CA GLY B 89 -2.59 1.29 -29.18
C GLY B 89 -3.08 0.52 -27.97
N LYS B 90 -2.30 0.53 -26.89
CA LYS B 90 -2.68 -0.13 -25.65
C LYS B 90 -3.74 0.67 -24.90
N ALA B 91 -3.59 1.98 -24.84
CA ALA B 91 -4.43 2.85 -24.03
C ALA B 91 -5.24 3.81 -24.88
N THR B 92 -6.52 3.97 -24.51
CA THR B 92 -7.39 4.96 -25.12
C THR B 92 -8.06 5.75 -24.00
N ILE B 93 -7.81 7.06 -23.98
CA ILE B 93 -8.33 7.94 -22.96
C ILE B 93 -9.49 8.72 -23.57
N THR B 94 -10.63 8.74 -22.88
CA THR B 94 -11.77 9.53 -23.31
C THR B 94 -12.35 10.26 -22.10
N ALA B 95 -13.29 11.15 -22.37
CA ALA B 95 -13.98 11.85 -21.30
C ALA B 95 -15.41 12.14 -21.75
N ASP B 96 -16.30 12.26 -20.78
CA ASP B 96 -17.72 12.47 -21.04
C ASP B 96 -18.16 13.62 -20.15
N THR B 97 -18.40 14.79 -20.75
CA THR B 97 -18.78 15.92 -19.92
C THR B 97 -20.17 15.75 -19.32
N SER B 98 -21.07 15.02 -20.00
CA SER B 98 -22.41 14.79 -19.48
C SER B 98 -22.39 14.14 -18.10
N SER B 99 -21.44 13.23 -17.88
CA SER B 99 -21.32 12.55 -16.60
C SER B 99 -20.10 13.01 -15.80
N ASN B 100 -19.37 14.01 -16.30
CA ASN B 100 -18.22 14.60 -15.59
C ASN B 100 -17.20 13.50 -15.24
N THR B 101 -16.97 12.60 -16.19
CA THR B 101 -16.18 11.41 -15.96
C THR B 101 -15.13 11.26 -17.06
N ALA B 102 -13.93 10.88 -16.66
CA ALA B 102 -12.85 10.52 -17.58
C ALA B 102 -12.67 9.00 -17.56
N PHE B 103 -12.19 8.45 -18.68
CA PHE B 103 -12.11 7.00 -18.85
C PHE B 103 -10.75 6.61 -19.40
N LEU B 104 -10.34 5.38 -19.05
CA LEU B 104 -9.15 4.75 -19.63
C LEU B 104 -9.51 3.36 -20.09
N GLN B 105 -9.40 3.10 -21.38
CA GLN B 105 -9.58 1.76 -21.93
C GLN B 105 -8.21 1.16 -22.20
N LEU B 106 -7.99 -0.05 -21.71
CA LEU B 106 -6.77 -0.82 -21.96
C LEU B 106 -7.14 -2.02 -22.83
N SER B 107 -6.42 -2.21 -23.93
CA SER B 107 -6.76 -3.22 -24.92
C SER B 107 -5.76 -4.37 -24.91
N SER B 108 -6.25 -5.57 -25.25
CA SER B 108 -5.44 -6.76 -25.47
C SER B 108 -4.45 -6.97 -24.34
N LEU B 109 -4.99 -7.16 -23.12
CA LEU B 109 -4.15 -7.09 -21.94
C LEU B 109 -3.21 -8.28 -21.83
N THR B 110 -2.00 -8.01 -21.33
CA THR B 110 -1.01 -9.01 -21.00
C THR B 110 -0.59 -8.81 -19.54
N SER B 111 0.25 -9.72 -19.05
CA SER B 111 0.66 -9.67 -17.64
C SER B 111 1.36 -8.36 -17.29
N VAL B 112 2.02 -7.72 -18.25
CA VAL B 112 2.70 -6.46 -17.93
C VAL B 112 1.72 -5.31 -17.71
N ASP B 113 0.44 -5.49 -18.02
CA ASP B 113 -0.59 -4.50 -17.75
C ASP B 113 -1.16 -4.61 -16.33
N THR B 114 -0.79 -5.64 -15.58
CA THR B 114 -1.21 -5.71 -14.19
C THR B 114 -0.57 -4.55 -13.44
N ALA B 115 -1.41 -3.73 -12.81
CA ALA B 115 -0.94 -2.50 -12.17
C ALA B 115 -2.10 -1.83 -11.48
N VAL B 116 -1.76 -0.85 -10.64
CA VAL B 116 -2.73 0.14 -10.18
C VAL B 116 -2.70 1.32 -11.14
N TYR B 117 -3.88 1.75 -11.57
CA TYR B 117 -4.05 2.86 -12.50
C TYR B 117 -4.69 4.01 -11.75
N TYR B 118 -4.08 5.19 -11.84
CA TYR B 118 -4.59 6.40 -11.21
C TYR B 118 -5.06 7.41 -12.25
N CYS B 119 -6.14 8.11 -11.95
CA CYS B 119 -6.43 9.33 -12.68
C CYS B 119 -6.00 10.52 -11.83
N ALA B 120 -5.73 11.64 -12.49
CA ALA B 120 -5.30 12.84 -11.80
C ALA B 120 -5.60 14.05 -12.66
N THR B 121 -5.69 15.22 -12.02
CA THR B 121 -5.96 16.48 -12.70
C THR B 121 -4.80 17.44 -12.52
N THR B 122 -4.61 18.31 -13.52
CA THR B 122 -3.64 19.39 -13.43
C THR B 122 -4.19 20.55 -12.61
N ILE B 123 -3.31 21.19 -11.83
CA ILE B 123 -3.63 22.49 -11.23
C ILE B 123 -4.28 23.39 -12.27
N THR B 124 -5.47 23.91 -11.94
CA THR B 124 -6.26 24.62 -12.94
C THR B 124 -5.77 26.05 -13.23
N PRO B 130 -1.57 21.73 -19.83
CA PRO B 130 -1.23 20.49 -19.13
C PRO B 130 0.14 20.50 -18.46
N TYR B 131 0.81 21.65 -18.32
CA TYR B 131 2.22 21.64 -17.90
C TYR B 131 2.43 21.90 -16.42
N ASN B 132 1.38 22.14 -15.64
CA ASN B 132 1.58 22.25 -14.20
C ASN B 132 1.49 20.87 -13.55
N ALA B 133 1.66 20.85 -12.23
CA ALA B 133 1.61 19.59 -11.48
C ALA B 133 0.20 19.01 -11.43
N MET B 134 0.12 17.76 -10.96
CA MET B 134 -1.13 17.05 -10.76
C MET B 134 -1.50 17.12 -9.29
N ASP B 135 -2.52 17.93 -8.98
CA ASP B 135 -2.81 18.20 -7.58
C ASP B 135 -3.91 17.33 -6.99
N TYR B 136 -4.79 16.74 -7.81
CA TYR B 136 -5.80 15.83 -7.28
C TYR B 136 -5.70 14.49 -7.98
N TRP B 137 -5.83 13.43 -7.20
CA TRP B 137 -5.63 12.06 -7.63
C TRP B 137 -6.81 11.20 -7.19
N GLY B 138 -7.20 10.27 -8.05
CA GLY B 138 -8.13 9.23 -7.68
C GLY B 138 -7.48 8.23 -6.74
N GLN B 139 -8.31 7.34 -6.20
CA GLN B 139 -7.79 6.42 -5.21
C GLN B 139 -7.07 5.23 -5.83
N GLY B 140 -7.09 5.10 -7.15
CA GLY B 140 -6.46 4.00 -7.87
C GLY B 140 -7.41 2.86 -8.11
N THR B 141 -7.24 2.20 -9.25
CA THR B 141 -7.97 0.99 -9.63
C THR B 141 -6.97 -0.13 -9.88
N SER B 142 -7.13 -1.21 -9.15
CA SER B 142 -6.26 -2.38 -9.32
CA SER B 142 -6.27 -2.39 -9.31
C SER B 142 -6.76 -3.24 -10.47
N VAL B 143 -5.89 -3.45 -11.46
CA VAL B 143 -6.18 -4.32 -12.60
C VAL B 143 -5.21 -5.50 -12.54
N THR B 144 -5.75 -6.71 -12.49
CA THR B 144 -4.95 -7.92 -12.54
C THR B 144 -5.27 -8.66 -13.83
N VAL B 145 -4.23 -8.94 -14.62
CA VAL B 145 -4.34 -9.72 -15.86
C VAL B 145 -3.88 -11.14 -15.57
N SER B 146 -4.79 -12.10 -15.69
CA SER B 146 -4.50 -13.48 -15.35
C SER B 146 -5.59 -14.37 -15.93
N SER B 147 -5.19 -15.60 -16.26
CA SER B 147 -6.15 -16.64 -16.60
C SER B 147 -6.79 -17.27 -15.37
N ALA B 148 -6.18 -17.13 -14.20
CA ALA B 148 -6.73 -17.74 -13.00
C ALA B 148 -8.05 -17.08 -12.61
N SER B 149 -9.01 -17.91 -12.19
CA SER B 149 -10.32 -17.44 -11.77
C SER B 149 -10.26 -16.75 -10.41
N THR B 150 -11.29 -15.96 -10.13
N THR B 150 -11.29 -15.96 -10.12
CA THR B 150 -11.45 -15.36 -8.82
CA THR B 150 -11.34 -15.35 -8.80
C THR B 150 -11.62 -16.42 -7.74
C THR B 150 -11.62 -16.40 -7.74
N THR B 151 -11.00 -16.19 -6.57
CA THR B 151 -11.20 -17.05 -5.41
C THR B 151 -11.48 -16.13 -4.21
N ALA B 152 -12.62 -16.36 -3.56
CA ALA B 152 -12.96 -15.57 -2.38
C ALA B 152 -12.07 -15.96 -1.20
N PRO B 153 -11.76 -15.02 -0.33
CA PRO B 153 -10.95 -15.35 0.84
C PRO B 153 -11.73 -16.14 1.88
N SER B 154 -11.00 -16.98 2.62
CA SER B 154 -11.46 -17.51 3.88
C SER B 154 -11.00 -16.55 4.97
N VAL B 155 -11.93 -16.09 5.79
CA VAL B 155 -11.63 -15.09 6.81
C VAL B 155 -11.79 -15.74 8.18
N TYR B 156 -10.72 -15.70 8.96
CA TYR B 156 -10.70 -16.40 10.23
C TYR B 156 -10.46 -15.43 11.38
N PRO B 157 -11.30 -15.44 12.40
CA PRO B 157 -11.02 -14.65 13.61
C PRO B 157 -9.93 -15.31 14.44
N LEU B 158 -9.05 -14.49 15.01
CA LEU B 158 -7.91 -14.97 15.80
C LEU B 158 -8.02 -14.44 17.22
N ALA B 159 -8.53 -15.27 18.12
CA ALA B 159 -8.64 -14.91 19.52
C ALA B 159 -7.38 -15.32 20.27
N PRO B 160 -7.10 -14.72 21.41
CA PRO B 160 -5.87 -15.09 22.16
C PRO B 160 -5.89 -16.56 22.56
N VAL B 161 -4.71 -17.06 22.92
CA VAL B 161 -4.58 -18.44 23.35
C VAL B 161 -5.62 -18.75 24.42
N CYS B 162 -6.14 -19.96 24.39
CA CYS B 162 -7.14 -20.45 25.34
C CYS B 162 -6.56 -20.58 26.75
N GLY B 167 -3.01 -9.59 31.06
CA GLY B 167 -2.33 -8.31 31.12
C GLY B 167 -3.26 -7.12 30.99
N SER B 168 -2.69 -5.93 30.78
CA SER B 168 -3.49 -4.72 30.65
C SER B 168 -4.02 -4.51 29.24
N SER B 169 -3.38 -5.11 28.24
CA SER B 169 -3.82 -4.99 26.85
C SER B 169 -3.88 -6.38 26.23
N VAL B 170 -4.67 -6.48 25.17
CA VAL B 170 -4.89 -7.75 24.48
C VAL B 170 -4.78 -7.49 22.99
N THR B 171 -4.23 -8.46 22.27
CA THR B 171 -4.09 -8.36 20.83
C THR B 171 -4.93 -9.45 20.17
N LEU B 172 -5.77 -9.03 19.24
CA LEU B 172 -6.63 -9.90 18.45
C LEU B 172 -6.17 -9.84 17.01
N GLY B 173 -6.60 -10.84 16.23
CA GLY B 173 -6.16 -10.94 14.85
C GLY B 173 -7.27 -11.34 13.92
N CYS B 174 -6.99 -11.15 12.63
CA CYS B 174 -7.86 -11.57 11.54
C CYS B 174 -6.98 -12.08 10.42
N LEU B 175 -7.22 -13.31 9.97
CA LEU B 175 -6.45 -13.95 8.90
C LEU B 175 -7.33 -14.05 7.67
N VAL B 176 -6.84 -13.50 6.55
CA VAL B 176 -7.57 -13.45 5.30
C VAL B 176 -6.80 -14.32 4.31
N LYS B 177 -7.23 -15.57 4.15
CA LYS B 177 -6.39 -16.60 3.55
C LYS B 177 -6.93 -17.06 2.20
N GLY B 178 -6.06 -17.05 1.19
CA GLY B 178 -6.35 -17.74 -0.05
C GLY B 178 -7.32 -17.06 -0.98
N TYR B 179 -7.06 -15.81 -1.35
CA TYR B 179 -7.93 -15.13 -2.30
C TYR B 179 -7.17 -14.74 -3.57
N PHE B 180 -7.96 -14.41 -4.60
CA PHE B 180 -7.39 -13.96 -5.86
C PHE B 180 -8.45 -13.20 -6.63
N PRO B 181 -8.12 -12.06 -7.25
CA PRO B 181 -6.82 -11.38 -7.14
C PRO B 181 -6.83 -10.42 -5.99
N GLU B 182 -5.80 -9.59 -5.90
CA GLU B 182 -5.86 -8.42 -5.05
C GLU B 182 -6.86 -7.42 -5.62
N PRO B 183 -7.43 -6.53 -4.80
CA PRO B 183 -7.25 -6.27 -3.37
C PRO B 183 -8.37 -6.84 -2.51
N VAL B 184 -8.18 -6.75 -1.20
CA VAL B 184 -9.26 -6.83 -0.23
C VAL B 184 -9.24 -5.53 0.56
N THR B 185 -10.35 -5.23 1.22
CA THR B 185 -10.39 -4.16 2.20
C THR B 185 -10.75 -4.77 3.54
N LEU B 186 -9.95 -4.49 4.57
CA LEU B 186 -10.21 -5.02 5.89
C LEU B 186 -10.39 -3.85 6.85
N THR B 187 -11.44 -3.93 7.66
CA THR B 187 -11.66 -2.97 8.73
C THR B 187 -11.99 -3.72 10.00
N TRP B 188 -12.00 -2.97 11.09
CA TRP B 188 -12.37 -3.47 12.41
C TRP B 188 -13.56 -2.65 12.86
N ASN B 189 -14.64 -3.32 13.25
CA ASN B 189 -15.88 -2.66 13.64
C ASN B 189 -16.28 -1.58 12.63
N SER B 190 -16.23 -1.97 11.35
CA SER B 190 -16.66 -1.14 10.23
C SER B 190 -15.86 0.14 10.14
N GLY B 191 -14.62 0.11 10.62
CA GLY B 191 -13.73 1.26 10.57
C GLY B 191 -13.73 2.10 11.82
N SER B 192 -14.69 1.93 12.74
CA SER B 192 -14.72 2.72 13.95
C SER B 192 -13.59 2.37 14.90
N LEU B 193 -12.99 1.19 14.76
CA LEU B 193 -11.81 0.80 15.53
C LEU B 193 -10.62 0.91 14.58
N SER B 194 -9.85 1.99 14.71
CA SER B 194 -8.74 2.22 13.81
C SER B 194 -7.41 2.42 14.53
N SER B 195 -7.43 2.85 15.78
CA SER B 195 -6.19 2.97 16.54
CA SER B 195 -6.19 2.97 16.54
C SER B 195 -5.72 1.60 17.00
N GLY B 196 -4.40 1.43 17.07
CA GLY B 196 -3.85 0.15 17.49
C GLY B 196 -3.95 -0.97 16.47
N VAL B 197 -4.21 -0.64 15.20
CA VAL B 197 -4.36 -1.63 14.14
C VAL B 197 -3.07 -1.75 13.34
N HIS B 198 -2.69 -2.98 13.02
CA HIS B 198 -1.65 -3.26 12.04
C HIS B 198 -2.23 -4.18 10.98
N THR B 199 -2.33 -3.71 9.75
CA THR B 199 -2.79 -4.55 8.66
C THR B 199 -1.61 -4.85 7.76
N PHE B 200 -1.30 -6.13 7.64
CA PHE B 200 -0.05 -6.58 7.04
C PHE B 200 -0.24 -6.79 5.54
N PRO B 201 0.64 -6.22 4.72
CA PRO B 201 0.48 -6.31 3.27
C PRO B 201 0.26 -7.73 2.78
N ALA B 202 -0.62 -7.87 1.81
CA ALA B 202 -0.89 -9.17 1.20
C ALA B 202 0.34 -9.68 0.47
N LEU B 203 0.52 -11.00 0.52
CA LEU B 203 1.61 -11.68 -0.15
C LEU B 203 1.10 -12.98 -0.74
N LEU B 204 1.77 -13.44 -1.80
CA LEU B 204 1.44 -14.72 -2.39
C LEU B 204 1.93 -15.87 -1.52
N GLN B 205 1.05 -16.85 -1.29
CA GLN B 205 1.44 -18.13 -0.73
C GLN B 205 0.57 -19.21 -1.35
N SER B 206 1.21 -20.27 -1.82
CA SER B 206 0.50 -21.42 -2.35
C SER B 206 -0.42 -21.05 -3.51
N GLY B 207 0.00 -20.06 -4.31
CA GLY B 207 -0.72 -19.67 -5.51
C GLY B 207 -1.83 -18.65 -5.31
N LEU B 208 -2.10 -18.24 -4.07
CA LEU B 208 -3.15 -17.29 -3.75
C LEU B 208 -2.60 -16.23 -2.79
N TYR B 209 -3.39 -15.20 -2.54
CA TYR B 209 -2.99 -14.15 -1.61
C TYR B 209 -3.47 -14.44 -0.20
N THR B 210 -2.62 -14.09 0.78
CA THR B 210 -2.97 -14.11 2.18
C THR B 210 -2.59 -12.76 2.80
N LEU B 211 -3.45 -12.27 3.68
CA LEU B 211 -3.25 -11.01 4.37
C LEU B 211 -3.69 -11.24 5.81
N SER B 212 -3.18 -10.42 6.73
CA SER B 212 -3.61 -10.53 8.12
C SER B 212 -3.65 -9.14 8.73
N SER B 213 -4.30 -9.04 9.88
CA SER B 213 -4.40 -7.78 10.61
C SER B 213 -4.48 -8.08 12.09
N SER B 214 -3.84 -7.23 12.89
CA SER B 214 -3.95 -7.30 14.34
C SER B 214 -4.55 -6.01 14.86
N VAL B 215 -5.25 -6.13 15.98
CA VAL B 215 -5.69 -4.93 16.70
C VAL B 215 -5.42 -5.15 18.18
N THR B 216 -4.90 -4.11 18.83
CA THR B 216 -4.55 -4.15 20.23
C THR B 216 -5.42 -3.16 20.98
N VAL B 217 -6.14 -3.65 21.99
CA VAL B 217 -7.00 -2.83 22.83
C VAL B 217 -6.68 -3.13 24.29
N THR B 218 -7.22 -2.31 25.17
CA THR B 218 -7.08 -2.57 26.60
C THR B 218 -7.95 -3.76 27.00
N SER B 219 -7.51 -4.48 28.04
CA SER B 219 -8.21 -5.69 28.47
C SER B 219 -9.60 -5.41 29.03
N ASN B 220 -9.88 -4.17 29.40
CA ASN B 220 -11.24 -3.79 29.77
C ASN B 220 -12.13 -3.52 28.57
N THR B 221 -11.55 -3.49 27.36
CA THR B 221 -12.30 -3.25 26.15
C THR B 221 -12.86 -4.55 25.56
N TRP B 222 -12.10 -5.63 25.64
CA TRP B 222 -12.44 -6.91 25.03
C TRP B 222 -12.18 -8.04 26.01
N PRO B 223 -13.09 -9.04 26.13
CA PRO B 223 -14.27 -9.28 25.29
C PRO B 223 -15.52 -8.50 25.66
N SER B 224 -15.42 -7.52 26.56
CA SER B 224 -16.61 -6.79 26.97
C SER B 224 -17.30 -6.15 25.77
N GLN B 225 -16.55 -5.43 24.94
CA GLN B 225 -17.09 -4.88 23.72
C GLN B 225 -16.83 -5.83 22.55
N THR B 226 -17.82 -5.95 21.68
CA THR B 226 -17.65 -6.79 20.49
C THR B 226 -16.62 -6.17 19.55
N ILE B 227 -15.76 -7.02 19.01
CA ILE B 227 -14.78 -6.60 18.00
C ILE B 227 -14.91 -7.56 16.83
N THR B 228 -15.12 -7.01 15.64
CA THR B 228 -15.42 -7.77 14.44
C THR B 228 -14.49 -7.35 13.33
N CYS B 229 -13.94 -8.33 12.63
CA CYS B 229 -13.16 -8.09 11.44
C CYS B 229 -14.09 -8.11 10.23
N ASN B 230 -14.03 -7.07 9.40
CA ASN B 230 -14.86 -6.96 8.19
C ASN B 230 -13.98 -7.01 6.97
N VAL B 231 -14.24 -7.93 6.06
CA VAL B 231 -13.40 -8.13 4.88
C VAL B 231 -14.25 -8.09 3.64
N ALA B 232 -13.92 -7.20 2.70
CA ALA B 232 -14.55 -7.16 1.39
C ALA B 232 -13.55 -7.54 0.32
N HIS B 233 -14.00 -8.37 -0.62
CA HIS B 233 -13.18 -8.78 -1.76
C HIS B 233 -13.97 -8.49 -3.03
N PRO B 234 -13.64 -7.39 -3.73
CA PRO B 234 -14.48 -6.97 -4.88
C PRO B 234 -14.61 -8.02 -5.96
N ALA B 235 -13.53 -8.72 -6.29
CA ALA B 235 -13.55 -9.61 -7.46
C ALA B 235 -14.54 -10.74 -7.26
N SER B 236 -14.67 -11.25 -6.05
CA SER B 236 -15.64 -12.30 -5.77
C SER B 236 -16.96 -11.75 -5.25
N SER B 237 -17.10 -10.43 -5.19
CA SER B 237 -18.31 -9.77 -4.69
C SER B 237 -18.71 -10.32 -3.32
N THR B 238 -17.72 -10.51 -2.45
CA THR B 238 -17.99 -11.03 -1.12
C THR B 238 -17.68 -9.99 -0.05
N LYS B 239 -18.41 -10.10 1.05
CA LYS B 239 -18.28 -9.20 2.19
C LYS B 239 -18.63 -10.03 3.42
N VAL B 240 -17.65 -10.32 4.26
CA VAL B 240 -17.86 -11.17 5.41
C VAL B 240 -17.41 -10.47 6.68
N ASP B 241 -18.09 -10.79 7.77
CA ASP B 241 -17.81 -10.25 9.09
C ASP B 241 -17.51 -11.41 10.03
N LYS B 242 -16.39 -11.33 10.76
CA LYS B 242 -16.01 -12.38 11.70
C LYS B 242 -15.80 -11.77 13.07
N LYS B 243 -16.67 -12.11 14.01
CA LYS B 243 -16.54 -11.62 15.37
C LYS B 243 -15.43 -12.38 16.08
N ILE B 244 -14.59 -11.65 16.81
CA ILE B 244 -13.54 -12.30 17.60
C ILE B 244 -14.16 -12.80 18.88
N GLU B 245 -14.09 -14.12 19.11
CA GLU B 245 -14.76 -14.72 20.24
C GLU B 245 -13.76 -15.49 21.09
N PRO B 246 -13.79 -15.35 22.41
CA PRO B 246 -12.86 -16.09 23.27
C PRO B 246 -12.91 -17.59 23.00
N ARG B 247 -11.73 -18.21 23.03
CA ARG B 247 -11.64 -19.66 22.82
C ARG B 247 -12.17 -20.41 24.03
N VAL B 248 -12.61 -21.64 23.79
CA VAL B 248 -12.98 -22.53 24.89
C VAL B 248 -12.22 -23.86 24.78
O6 BU3 C . -17.64 5.54 -22.54
C3 BU3 C . -17.44 6.94 -22.49
C4 BU3 C . -18.78 7.63 -22.32
C2 BU3 C . -16.78 7.39 -23.78
O5 BU3 C . -15.57 6.68 -23.92
C1 BU3 C . -16.49 8.87 -23.76
#